data_5IH8
#
_entry.id   5IH8
#
_cell.length_a   55.550
_cell.length_b   67.360
_cell.length_c   105.340
_cell.angle_alpha   90.000
_cell.angle_beta   90.000
_cell.angle_gamma   90.000
#
_symmetry.space_group_name_H-M   'P 21 21 21'
#
loop_
_entity.id
_entity.type
_entity.pdbx_description
1 polymer 'Maternal embryonic leucine zipper kinase'
2 non-polymer N-[(pyridin-2-yl)methyl]-4-[4-(pyridin-4-yl)-1H-pyrazol-1-yl]benzamide
3 water water
#
_entity_poly.entity_id   1
_entity_poly.type   'polypeptide(L)'
_entity_poly.pdbx_seq_one_letter_code
;MDYDELLKYYELHETIGTGGFAKVKLACHILTGEMVAIKIMDKNTLGSDLPRIKTEIEALKNLRHQHICQLYHVLETANK
IFMVLEYCPGGELFDYIISQDRLSEEETRVVFRQIVSAVAYVHSQGYAHRDLKPENLLFDEYHKLKLIDFGLCAKPKGNK
DYHLQTCCGSLAYAAPELIQGKSYLGSEADVWSMGILLYVLMCGFLPFDDDNVMALYKKIMRGKYDVPKWLSPSSILLLQ
QMLQVDPKKRISMKNLLNHPWIMQDYNYPVEWQSKNPFIHLDDDCVTELSVHHRNNRQTMEDLISLWQYDHLTATYLLLL
AKKARGKPVHHHHHH
;
_entity_poly.pdbx_strand_id   A
#
loop_
_chem_comp.id
_chem_comp.type
_chem_comp.name
_chem_comp.formula
6BJ non-polymer N-[(pyridin-2-yl)methyl]-4-[4-(pyridin-4-yl)-1H-pyrazol-1-yl]benzamide 'C21 H17 N5 O'
#
# COMPACT_ATOMS: atom_id res chain seq x y z
N MET A 1 21.03 9.48 20.89
CA MET A 1 19.72 9.70 21.53
C MET A 1 18.57 9.12 20.69
N ASP A 2 18.51 9.49 19.40
CA ASP A 2 17.43 9.06 18.52
C ASP A 2 17.42 7.59 18.21
N TYR A 3 18.61 6.98 18.00
CA TYR A 3 18.68 5.56 17.63
C TYR A 3 18.86 4.59 18.79
N ASP A 4 19.02 5.10 20.02
CA ASP A 4 19.25 4.27 21.21
C ASP A 4 18.27 3.12 21.39
N GLU A 5 16.95 3.43 21.43
CA GLU A 5 15.92 2.41 21.61
C GLU A 5 15.89 1.42 20.45
N LEU A 6 15.89 1.95 19.21
CA LEU A 6 15.82 1.11 18.00
C LEU A 6 16.93 0.05 17.98
N LEU A 7 18.16 0.43 18.39
CA LEU A 7 19.31 -0.47 18.42
C LEU A 7 19.24 -1.62 19.45
N LYS A 8 18.28 -1.56 20.37
CA LYS A 8 18.04 -2.62 21.34
C LYS A 8 17.35 -3.81 20.65
N TYR A 9 16.64 -3.56 19.53
CA TYR A 9 15.85 -4.56 18.81
C TYR A 9 16.24 -4.82 17.36
N TYR A 10 16.93 -3.87 16.73
CA TYR A 10 17.27 -4.01 15.32
C TYR A 10 18.75 -3.75 15.07
N GLU A 11 19.31 -4.48 14.08
CA GLU A 11 20.70 -4.34 13.60
C GLU A 11 20.52 -3.57 12.29
N LEU A 12 21.04 -2.34 12.21
CA LEU A 12 20.83 -1.52 11.01
C LEU A 12 21.71 -1.88 9.83
N HIS A 13 21.10 -1.86 8.66
CA HIS A 13 21.78 -2.12 7.41
C HIS A 13 21.83 -0.76 6.67
N GLU A 14 21.78 -0.74 5.34
CA GLU A 14 21.94 0.51 4.60
C GLU A 14 20.69 1.35 4.35
N THR A 15 20.92 2.65 4.09
CA THR A 15 19.86 3.57 3.70
C THR A 15 19.56 3.21 2.24
N ILE A 16 18.28 3.14 1.89
CA ILE A 16 17.89 2.81 0.53
C ILE A 16 17.15 3.96 -0.14
N GLY A 17 16.54 4.81 0.68
CA GLY A 17 15.79 5.97 0.23
C GLY A 17 15.90 7.17 1.15
N THR A 18 15.99 8.38 0.55
CA THR A 18 16.06 9.67 1.26
C THR A 18 15.25 10.71 0.48
N ALA A 22 10.79 11.45 4.44
CA ALA A 22 11.17 10.26 5.21
C ALA A 22 12.36 9.51 4.61
N LYS A 23 13.28 9.10 5.47
CA LYS A 23 14.46 8.30 5.13
C LYS A 23 14.07 6.83 5.38
N VAL A 24 14.49 5.90 4.50
CA VAL A 24 14.19 4.46 4.68
C VAL A 24 15.50 3.70 4.87
N LYS A 25 15.60 2.91 5.97
CA LYS A 25 16.76 2.08 6.25
C LYS A 25 16.35 0.63 6.23
N LEU A 26 17.24 -0.26 5.77
CA LEU A 26 16.97 -1.69 5.87
C LEU A 26 17.57 -2.14 7.19
N ALA A 27 16.97 -3.15 7.81
CA ALA A 27 17.45 -3.60 9.11
C ALA A 27 17.07 -5.04 9.35
N CYS A 28 17.65 -5.64 10.37
CA CYS A 28 17.34 -7.02 10.73
C CYS A 28 16.81 -7.01 12.15
N HIS A 29 15.63 -7.61 12.38
CA HIS A 29 15.07 -7.77 13.72
C HIS A 29 15.97 -8.80 14.43
N ILE A 30 16.63 -8.41 15.54
CA ILE A 30 17.60 -9.27 16.26
C ILE A 30 17.01 -10.62 16.73
N LEU A 31 15.88 -10.58 17.43
CA LEU A 31 15.25 -11.78 17.98
C LEU A 31 14.87 -12.88 16.97
N THR A 32 14.33 -12.51 15.80
CA THR A 32 13.88 -13.45 14.76
C THR A 32 14.84 -13.64 13.60
N GLY A 33 15.72 -12.67 13.39
CA GLY A 33 16.65 -12.64 12.26
C GLY A 33 15.98 -12.18 10.98
N GLU A 34 14.71 -11.71 11.05
CA GLU A 34 13.97 -11.26 9.87
C GLU A 34 14.32 -9.84 9.45
N MET A 35 14.39 -9.62 8.14
CA MET A 35 14.66 -8.33 7.53
C MET A 35 13.40 -7.46 7.61
N VAL A 36 13.57 -6.16 7.84
CA VAL A 36 12.49 -5.17 7.92
C VAL A 36 12.96 -3.91 7.21
N ALA A 37 12.03 -3.02 6.88
CA ALA A 37 12.37 -1.71 6.38
C ALA A 37 11.97 -0.76 7.51
N ILE A 38 12.77 0.28 7.75
CA ILE A 38 12.42 1.23 8.80
C ILE A 38 12.30 2.63 8.20
N LYS A 39 11.10 3.22 8.31
CA LYS A 39 10.84 4.57 7.83
C LYS A 39 11.15 5.50 8.99
N ILE A 40 11.98 6.51 8.73
CA ILE A 40 12.46 7.45 9.74
C ILE A 40 11.95 8.83 9.35
N MET A 41 11.15 9.43 10.23
CA MET A 41 10.55 10.74 9.98
C MET A 41 10.92 11.71 11.10
N ASP A 42 11.31 12.94 10.73
CA ASP A 42 11.71 13.97 11.69
C ASP A 42 10.50 14.79 12.13
N LYS A 43 10.35 14.99 13.44
CA LYS A 43 9.22 15.73 14.01
C LYS A 43 9.35 17.24 13.82
N ASN A 44 10.60 17.75 13.89
CA ASN A 44 10.92 19.18 13.77
C ASN A 44 11.56 19.52 12.40
N THR A 45 11.11 18.82 11.33
CA THR A 45 11.54 18.98 9.93
C THR A 45 10.39 18.52 9.03
N ASP A 49 5.82 16.89 7.99
CA ASP A 49 4.51 17.19 8.58
C ASP A 49 4.22 16.17 9.67
N LEU A 50 4.06 16.63 10.93
CA LEU A 50 3.71 15.71 12.04
C LEU A 50 2.28 15.10 11.84
N PRO A 51 1.24 15.86 11.35
CA PRO A 51 -0.08 15.23 11.12
C PRO A 51 -0.06 14.09 10.10
N ARG A 52 0.82 14.17 9.07
CA ARG A 52 0.98 13.14 8.04
C ARG A 52 1.53 11.83 8.65
N ILE A 53 2.43 11.95 9.67
CA ILE A 53 2.98 10.78 10.37
C ILE A 53 1.86 10.13 11.19
N LYS A 54 1.15 10.93 12.00
CA LYS A 54 0.08 10.44 12.87
C LYS A 54 -1.08 9.83 12.05
N THR A 55 -1.39 10.42 10.88
CA THR A 55 -2.43 9.91 9.96
C THR A 55 -2.03 8.50 9.47
N GLU A 56 -0.78 8.35 9.02
CA GLU A 56 -0.32 7.04 8.51
C GLU A 56 -0.31 6.00 9.61
N ILE A 57 0.20 6.36 10.80
CA ILE A 57 0.26 5.43 11.93
C ILE A 57 -1.13 4.95 12.34
N GLU A 58 -2.07 5.90 12.53
CA GLU A 58 -3.45 5.57 12.91
C GLU A 58 -4.10 4.59 11.89
N ALA A 59 -3.92 4.84 10.58
CA ALA A 59 -4.49 3.97 9.54
C ALA A 59 -3.87 2.58 9.57
N LEU A 60 -2.54 2.51 9.60
CA LEU A 60 -1.83 1.24 9.59
C LEU A 60 -2.04 0.39 10.83
N LYS A 61 -2.37 1.01 11.98
CA LYS A 61 -2.68 0.22 13.17
C LYS A 61 -4.01 -0.48 13.00
N ASN A 62 -4.91 0.07 12.17
CA ASN A 62 -6.27 -0.42 11.91
C ASN A 62 -6.44 -1.26 10.68
N LEU A 63 -5.51 -1.16 9.73
CA LEU A 63 -5.56 -1.92 8.46
C LEU A 63 -4.56 -3.05 8.53
N ARG A 64 -4.98 -4.26 8.09
CA ARG A 64 -4.11 -5.43 8.13
C ARG A 64 -4.54 -6.29 6.98
N HIS A 65 -3.70 -6.45 5.96
CA HIS A 65 -4.16 -7.13 4.75
C HIS A 65 -2.97 -7.65 3.96
N GLN A 66 -3.19 -8.75 3.23
CA GLN A 66 -2.19 -9.40 2.37
C GLN A 66 -1.59 -8.46 1.31
N HIS A 67 -2.31 -7.40 0.90
CA HIS A 67 -1.78 -6.43 -0.09
C HIS A 67 -1.49 -5.03 0.47
N ILE A 68 -1.35 -4.94 1.79
CA ILE A 68 -0.98 -3.68 2.46
C ILE A 68 0.35 -3.95 3.18
N CYS A 69 1.33 -3.06 3.01
CA CYS A 69 2.61 -3.25 3.67
C CYS A 69 2.41 -3.10 5.16
N GLN A 70 2.71 -4.17 5.89
CA GLN A 70 2.42 -4.29 7.31
C GLN A 70 3.27 -3.44 8.23
N LEU A 71 2.60 -2.77 9.17
CA LEU A 71 3.26 -2.04 10.25
C LEU A 71 3.56 -3.02 11.40
N TYR A 72 4.82 -3.07 11.84
CA TYR A 72 5.20 -4.00 12.90
C TYR A 72 5.41 -3.30 14.24
N HIS A 73 6.02 -2.11 14.22
CA HIS A 73 6.49 -1.47 15.45
C HIS A 73 6.60 0.03 15.20
N VAL A 74 6.20 0.83 16.20
CA VAL A 74 6.30 2.29 16.17
C VAL A 74 7.15 2.69 17.37
N LEU A 75 8.20 3.50 17.12
CA LEU A 75 9.09 3.98 18.18
C LEU A 75 9.20 5.48 18.04
N GLU A 76 9.27 6.19 19.16
CA GLU A 76 9.29 7.64 19.14
C GLU A 76 10.33 8.23 20.09
N THR A 77 10.95 9.34 19.66
CA THR A 77 11.92 10.12 20.45
C THR A 77 11.42 11.57 20.40
N ALA A 78 12.18 12.54 20.98
CA ALA A 78 11.79 13.94 20.91
C ALA A 78 11.90 14.47 19.49
N ASN A 79 12.81 13.89 18.70
CA ASN A 79 13.07 14.33 17.33
C ASN A 79 12.56 13.41 16.23
N LYS A 80 12.49 12.08 16.49
CA LYS A 80 12.09 11.14 15.43
C LYS A 80 10.94 10.21 15.78
N ILE A 81 10.28 9.71 14.72
CA ILE A 81 9.28 8.65 14.81
C ILE A 81 9.79 7.62 13.81
N PHE A 82 9.90 6.36 14.27
CA PHE A 82 10.35 5.23 13.49
C PHE A 82 9.18 4.31 13.25
N MET A 83 8.98 3.88 12.01
CA MET A 83 7.96 2.92 11.67
C MET A 83 8.66 1.71 11.08
N VAL A 84 8.55 0.55 11.76
CA VAL A 84 9.18 -0.71 11.32
C VAL A 84 8.14 -1.41 10.46
N LEU A 85 8.50 -1.66 9.20
CA LEU A 85 7.55 -2.16 8.22
C LEU A 85 8.01 -3.41 7.51
N GLU A 86 7.04 -4.09 6.91
CA GLU A 86 7.21 -5.33 6.13
C GLU A 86 8.23 -5.10 5.03
N TYR A 87 9.17 -6.04 4.92
CA TYR A 87 10.26 -6.01 3.96
C TYR A 87 9.77 -6.32 2.56
N CYS A 88 9.95 -5.38 1.60
CA CYS A 88 9.49 -5.55 0.20
C CYS A 88 10.66 -5.41 -0.81
N PRO A 89 11.48 -6.48 -0.99
CA PRO A 89 12.70 -6.36 -1.84
C PRO A 89 12.53 -6.39 -3.36
N GLY A 90 11.30 -6.51 -3.84
CA GLY A 90 11.02 -6.56 -5.27
C GLY A 90 10.95 -5.20 -5.93
N GLY A 91 11.05 -4.14 -5.15
CA GLY A 91 11.05 -2.77 -5.65
C GLY A 91 9.69 -2.18 -5.95
N GLU A 92 9.69 -0.94 -6.45
CA GLU A 92 8.45 -0.21 -6.78
C GLU A 92 7.86 -0.71 -8.06
N LEU A 93 6.53 -0.67 -8.14
CA LEU A 93 5.82 -1.01 -9.36
C LEU A 93 6.22 -0.01 -10.47
N PHE A 94 6.45 1.25 -10.08
CA PHE A 94 6.86 2.33 -10.98
C PHE A 94 8.13 1.90 -11.71
N ASP A 95 9.13 1.46 -10.93
CA ASP A 95 10.41 1.00 -11.49
C ASP A 95 10.24 -0.25 -12.34
N TYR A 96 9.34 -1.16 -11.94
CA TYR A 96 9.06 -2.37 -12.69
C TYR A 96 8.49 -2.08 -14.08
N ILE A 97 7.46 -1.19 -14.17
CA ILE A 97 6.83 -0.82 -15.45
C ILE A 97 7.90 -0.25 -16.39
N ILE A 98 8.71 0.69 -15.87
CA ILE A 98 9.81 1.32 -16.64
C ILE A 98 10.77 0.25 -17.18
N SER A 99 11.19 -0.67 -16.30
CA SER A 99 12.09 -1.77 -16.64
C SER A 99 11.55 -2.59 -17.81
N GLN A 100 10.23 -2.82 -17.83
CA GLN A 100 9.52 -3.60 -18.86
C GLN A 100 9.01 -2.80 -20.03
N ASP A 101 9.12 -1.45 -19.97
CA ASP A 101 8.58 -0.48 -20.92
C ASP A 101 7.06 -0.33 -20.66
N ARG A 102 6.30 -1.43 -20.80
CA ARG A 102 4.86 -1.54 -20.50
C ARG A 102 4.54 -3.01 -20.24
N LEU A 103 3.41 -3.28 -19.59
CA LEU A 103 3.02 -4.65 -19.28
C LEU A 103 1.98 -5.11 -20.27
N SER A 104 1.92 -6.43 -20.56
CA SER A 104 0.89 -6.97 -21.43
C SER A 104 -0.44 -6.82 -20.68
N GLU A 105 -1.56 -6.95 -21.38
CA GLU A 105 -2.88 -6.93 -20.71
C GLU A 105 -2.94 -8.04 -19.63
N GLU A 106 -2.41 -9.25 -19.93
CA GLU A 106 -2.40 -10.37 -18.98
C GLU A 106 -1.58 -10.08 -17.72
N GLU A 107 -0.37 -9.48 -17.86
CA GLU A 107 0.46 -9.12 -16.70
C GLU A 107 -0.17 -7.92 -15.95
N THR A 108 -0.80 -7.01 -16.69
CA THR A 108 -1.50 -5.86 -16.07
C THR A 108 -2.61 -6.40 -15.14
N ARG A 109 -3.37 -7.39 -15.63
CA ARG A 109 -4.46 -7.99 -14.84
C ARG A 109 -3.93 -8.65 -13.56
N VAL A 110 -2.79 -9.37 -13.63
CA VAL A 110 -2.21 -10.01 -12.43
C VAL A 110 -2.00 -8.95 -11.35
N VAL A 111 -1.32 -7.84 -11.73
CA VAL A 111 -1.00 -6.72 -10.85
C VAL A 111 -2.26 -5.97 -10.41
N PHE A 112 -3.11 -5.59 -11.38
CA PHE A 112 -4.29 -4.78 -11.10
C PHE A 112 -5.29 -5.45 -10.15
N ARG A 113 -5.44 -6.79 -10.24
CA ARG A 113 -6.35 -7.50 -9.34
C ARG A 113 -5.87 -7.36 -7.87
N GLN A 114 -4.54 -7.26 -7.65
CA GLN A 114 -3.97 -7.08 -6.31
C GLN A 114 -4.22 -5.69 -5.82
N ILE A 115 -4.09 -4.69 -6.71
CA ILE A 115 -4.37 -3.29 -6.33
C ILE A 115 -5.85 -3.20 -5.94
N VAL A 116 -6.74 -3.79 -6.75
CA VAL A 116 -8.21 -3.77 -6.47
C VAL A 116 -8.51 -4.39 -5.10
N SER A 117 -7.85 -5.52 -4.78
CA SER A 117 -7.98 -6.22 -3.50
C SER A 117 -7.65 -5.29 -2.34
N ALA A 118 -6.47 -4.63 -2.37
CA ALA A 118 -6.06 -3.74 -1.27
C ALA A 118 -7.01 -2.56 -1.12
N VAL A 119 -7.30 -1.86 -2.22
CA VAL A 119 -8.11 -0.63 -2.19
C VAL A 119 -9.56 -0.92 -1.76
N ALA A 120 -10.16 -2.02 -2.24
CA ALA A 120 -11.52 -2.39 -1.82
C ALA A 120 -11.55 -2.63 -0.31
N TYR A 121 -10.48 -3.27 0.24
CA TYR A 121 -10.43 -3.52 1.69
C TYR A 121 -10.30 -2.19 2.44
N VAL A 122 -9.42 -1.29 1.98
CA VAL A 122 -9.23 0.04 2.61
C VAL A 122 -10.60 0.74 2.71
N HIS A 123 -11.37 0.74 1.60
CA HIS A 123 -12.70 1.37 1.58
C HIS A 123 -13.64 0.65 2.55
N SER A 124 -13.54 -0.71 2.63
CA SER A 124 -14.43 -1.50 3.51
C SER A 124 -14.21 -1.11 4.98
N GLN A 125 -12.98 -0.64 5.29
CA GLN A 125 -12.57 -0.24 6.65
C GLN A 125 -12.91 1.22 6.99
N GLY A 126 -13.48 1.93 6.03
CA GLY A 126 -13.88 3.32 6.24
C GLY A 126 -12.82 4.34 5.90
N TYR A 127 -11.85 3.95 5.07
CA TYR A 127 -10.74 4.84 4.67
C TYR A 127 -10.70 5.02 3.15
N ALA A 128 -9.99 6.06 2.70
CA ALA A 128 -9.71 6.27 1.28
C ALA A 128 -8.22 6.56 1.31
N HIS A 129 -7.42 5.96 0.39
CA HIS A 129 -5.94 6.12 0.35
C HIS A 129 -5.55 7.54 -0.05
N ARG A 130 -6.11 8.03 -1.16
CA ARG A 130 -5.92 9.40 -1.69
C ARG A 130 -4.59 9.71 -2.36
N ASP A 131 -3.65 8.73 -2.40
CA ASP A 131 -2.38 8.94 -3.08
C ASP A 131 -1.95 7.69 -3.84
N LEU A 132 -2.90 7.08 -4.54
CA LEU A 132 -2.61 5.85 -5.28
C LEU A 132 -1.81 6.20 -6.52
N LYS A 133 -0.68 5.53 -6.68
CA LYS A 133 0.27 5.72 -7.78
C LYS A 133 1.27 4.54 -7.75
N PRO A 134 1.93 4.21 -8.88
CA PRO A 134 2.84 3.06 -8.88
C PRO A 134 4.05 3.17 -7.94
N GLU A 135 4.45 4.41 -7.54
CA GLU A 135 5.57 4.56 -6.58
C GLU A 135 5.09 4.11 -5.18
N ASN A 136 3.78 4.00 -4.96
CA ASN A 136 3.25 3.60 -3.66
C ASN A 136 2.82 2.12 -3.61
N LEU A 137 3.30 1.31 -4.55
CA LEU A 137 3.03 -0.12 -4.58
C LEU A 137 4.36 -0.82 -4.73
N LEU A 138 4.69 -1.70 -3.78
CA LEU A 138 5.95 -2.44 -3.79
C LEU A 138 5.74 -3.95 -3.94
N PHE A 139 6.73 -4.64 -4.50
CA PHE A 139 6.69 -6.09 -4.62
C PHE A 139 7.45 -6.69 -3.45
N ASP A 140 6.87 -7.68 -2.79
CA ASP A 140 7.59 -8.42 -1.74
C ASP A 140 8.45 -9.53 -2.37
N GLU A 141 9.05 -10.43 -1.57
CA GLU A 141 9.90 -11.50 -2.10
C GLU A 141 9.15 -12.53 -2.96
N TYR A 142 7.80 -12.62 -2.80
CA TYR A 142 6.96 -13.55 -3.55
C TYR A 142 6.41 -12.88 -4.82
N HIS A 143 6.86 -11.64 -5.10
CA HIS A 143 6.41 -10.81 -6.24
C HIS A 143 4.89 -10.49 -6.07
N LYS A 144 4.44 -10.32 -4.81
CA LYS A 144 3.07 -9.89 -4.48
C LYS A 144 3.12 -8.41 -4.13
N LEU A 145 2.09 -7.65 -4.53
CA LEU A 145 2.10 -6.19 -4.31
C LEU A 145 1.68 -5.82 -2.93
N LYS A 146 2.28 -4.75 -2.41
CA LYS A 146 2.00 -4.21 -1.06
C LYS A 146 1.82 -2.70 -1.21
N LEU A 147 0.68 -2.19 -0.75
CA LEU A 147 0.32 -0.78 -0.81
C LEU A 147 0.99 -0.05 0.36
N ILE A 148 1.65 1.08 0.07
CA ILE A 148 2.35 1.89 1.06
C ILE A 148 1.87 3.34 1.09
N ASP A 149 2.42 4.10 2.03
CA ASP A 149 2.18 5.53 2.23
C ASP A 149 0.73 5.91 2.45
N PHE A 150 0.27 5.75 3.69
CA PHE A 150 -1.09 6.10 4.10
C PHE A 150 -1.12 7.47 4.77
N GLY A 151 -0.12 8.29 4.48
CA GLY A 151 0.03 9.62 5.08
C GLY A 151 -1.04 10.62 4.65
N LEU A 152 -1.62 10.44 3.45
CA LEU A 152 -2.64 11.36 2.94
C LEU A 152 -4.04 10.79 3.00
N CYS A 153 -4.20 9.65 3.68
CA CYS A 153 -5.47 8.97 3.74
C CYS A 153 -6.57 9.73 4.49
N ALA A 154 -7.85 9.51 4.11
CA ALA A 154 -8.96 10.17 4.80
C ALA A 154 -9.90 9.15 5.41
N LYS A 155 -10.39 9.44 6.63
CA LYS A 155 -11.32 8.61 7.40
C LYS A 155 -12.63 9.37 7.62
N SER A 170 2.23 14.05 -7.41
CA SER A 170 1.02 13.22 -7.38
C SER A 170 -0.09 13.82 -8.24
N LEU A 171 0.13 15.05 -8.80
CA LEU A 171 -0.88 15.72 -9.63
C LEU A 171 -1.37 14.89 -10.81
N ALA A 172 -0.46 14.14 -11.46
CA ALA A 172 -0.85 13.30 -12.61
C ALA A 172 -1.88 12.21 -12.27
N TYR A 173 -1.97 11.83 -10.99
CA TYR A 173 -2.89 10.77 -10.50
C TYR A 173 -4.12 11.31 -9.78
N ALA A 174 -4.19 12.65 -9.59
CA ALA A 174 -5.29 13.27 -8.86
C ALA A 174 -6.53 13.51 -9.69
N ALA A 175 -7.70 13.14 -9.11
CA ALA A 175 -9.01 13.37 -9.70
C ALA A 175 -9.30 14.86 -9.91
N PRO A 176 -10.00 15.21 -11.00
CA PRO A 176 -10.28 16.64 -11.29
C PRO A 176 -10.89 17.44 -10.14
N GLU A 177 -11.82 16.84 -9.39
CA GLU A 177 -12.48 17.53 -8.26
C GLU A 177 -11.51 17.80 -7.12
N LEU A 178 -10.55 16.90 -6.93
CA LEU A 178 -9.55 16.96 -5.88
C LEU A 178 -8.55 18.07 -6.15
N ILE A 179 -8.20 18.30 -7.44
CA ILE A 179 -7.29 19.39 -7.83
C ILE A 179 -7.98 20.75 -7.66
N GLN A 180 -9.26 20.84 -8.10
CA GLN A 180 -10.08 22.07 -8.06
C GLN A 180 -10.41 22.60 -6.66
N GLY A 181 -10.15 21.81 -5.63
CA GLY A 181 -10.43 22.21 -4.26
C GLY A 181 -11.89 22.04 -3.88
N LYS A 182 -12.62 21.24 -4.65
CA LYS A 182 -14.05 20.95 -4.44
C LYS A 182 -14.20 19.82 -3.44
N SER A 183 -15.41 19.66 -2.84
CA SER A 183 -15.66 18.54 -1.94
C SER A 183 -15.67 17.28 -2.79
N TYR A 184 -15.22 16.16 -2.22
CA TYR A 184 -15.18 14.92 -2.97
C TYR A 184 -15.35 13.73 -2.06
N LEU A 185 -15.64 12.56 -2.64
CA LEU A 185 -15.69 11.31 -1.86
C LEU A 185 -14.35 10.65 -2.14
N GLY A 186 -13.65 10.28 -1.08
CA GLY A 186 -12.35 9.63 -1.23
C GLY A 186 -12.36 8.38 -2.08
N SER A 187 -13.45 7.58 -1.98
CA SER A 187 -13.54 6.34 -2.76
C SER A 187 -13.58 6.65 -4.25
N GLU A 188 -14.28 7.73 -4.67
CA GLU A 188 -14.35 8.15 -6.08
C GLU A 188 -13.01 8.64 -6.58
N ALA A 189 -12.29 9.40 -5.73
CA ALA A 189 -10.94 9.89 -6.05
C ALA A 189 -9.99 8.68 -6.25
N ASP A 190 -10.10 7.63 -5.37
CA ASP A 190 -9.27 6.43 -5.51
C ASP A 190 -9.56 5.72 -6.85
N VAL A 191 -10.86 5.66 -7.27
CA VAL A 191 -11.23 4.96 -8.52
C VAL A 191 -10.60 5.66 -9.72
N TRP A 192 -10.65 6.99 -9.76
CA TRP A 192 -9.96 7.76 -10.82
C TRP A 192 -8.46 7.43 -10.81
N SER A 193 -7.79 7.53 -9.63
CA SER A 193 -6.32 7.22 -9.52
C SER A 193 -6.02 5.81 -10.04
N MET A 194 -6.92 4.84 -9.75
CA MET A 194 -6.71 3.47 -10.23
C MET A 194 -6.83 3.39 -11.77
N GLY A 195 -7.65 4.26 -12.35
CA GLY A 195 -7.81 4.35 -13.81
C GLY A 195 -6.51 4.85 -14.43
N ILE A 196 -5.88 5.85 -13.78
CA ILE A 196 -4.60 6.39 -14.25
C ILE A 196 -3.56 5.27 -14.13
N LEU A 197 -3.58 4.51 -13.01
CA LEU A 197 -2.63 3.38 -12.82
C LEU A 197 -2.80 2.33 -13.91
N LEU A 198 -4.05 1.99 -14.20
CA LEU A 198 -4.39 1.00 -15.22
C LEU A 198 -3.82 1.42 -16.58
N TYR A 199 -3.99 2.69 -16.94
CA TYR A 199 -3.45 3.21 -18.19
C TYR A 199 -1.90 3.10 -18.20
N VAL A 200 -1.24 3.54 -17.11
CA VAL A 200 0.23 3.50 -17.00
C VAL A 200 0.75 2.04 -17.12
N LEU A 201 0.07 1.09 -16.46
CA LEU A 201 0.51 -0.31 -16.55
C LEU A 201 0.54 -0.82 -18.01
N MET A 202 -0.51 -0.52 -18.78
CA MET A 202 -0.62 -1.03 -20.15
C MET A 202 0.04 -0.19 -21.20
N CYS A 203 0.30 1.09 -20.91
CA CYS A 203 0.91 2.00 -21.89
C CYS A 203 2.36 2.36 -21.61
N GLY A 204 2.73 2.46 -20.32
CA GLY A 204 4.09 2.81 -19.93
C GLY A 204 4.34 4.32 -19.94
N PHE A 205 3.26 5.10 -19.99
CA PHE A 205 3.26 6.56 -19.95
C PHE A 205 1.90 7.03 -19.44
N LEU A 206 1.82 8.28 -18.94
CA LEU A 206 0.62 8.84 -18.32
C LEU A 206 -0.41 9.27 -19.34
N PRO A 207 -1.73 9.14 -19.02
CA PRO A 207 -2.76 9.61 -19.97
C PRO A 207 -2.81 11.13 -20.06
N PHE A 208 -2.50 11.81 -18.92
CA PHE A 208 -2.42 13.27 -18.81
C PHE A 208 -1.01 13.61 -18.38
N ASP A 209 -0.29 14.29 -19.26
CA ASP A 209 1.11 14.61 -18.96
C ASP A 209 1.54 15.91 -19.63
N ASP A 210 2.30 16.73 -18.89
CA ASP A 210 2.86 17.99 -19.37
C ASP A 210 3.90 18.49 -18.40
N ASP A 211 4.92 19.19 -18.93
CA ASP A 211 6.01 19.80 -18.16
C ASP A 211 5.49 21.01 -17.38
N ASN A 212 4.46 21.69 -17.93
CA ASN A 212 3.87 22.83 -17.23
C ASN A 212 2.69 22.36 -16.40
N VAL A 213 2.70 22.70 -15.09
CA VAL A 213 1.65 22.28 -14.14
C VAL A 213 0.24 22.76 -14.54
N MET A 214 0.13 23.98 -15.09
CA MET A 214 -1.19 24.51 -15.49
C MET A 214 -1.74 23.82 -16.72
N ALA A 215 -0.85 23.44 -17.66
CA ALA A 215 -1.26 22.70 -18.86
C ALA A 215 -1.66 21.28 -18.46
N LEU A 216 -0.99 20.70 -17.43
CA LEU A 216 -1.39 19.38 -16.93
C LEU A 216 -2.81 19.46 -16.30
N TYR A 217 -3.02 20.49 -15.47
CA TYR A 217 -4.28 20.77 -14.80
C TYR A 217 -5.40 20.87 -15.85
N LYS A 218 -5.17 21.61 -16.97
CA LYS A 218 -6.13 21.72 -18.08
C LYS A 218 -6.45 20.33 -18.68
N LYS A 219 -5.43 19.52 -18.93
CA LYS A 219 -5.59 18.20 -19.52
C LYS A 219 -6.42 17.28 -18.65
N ILE A 220 -6.18 17.30 -17.33
CA ILE A 220 -6.97 16.47 -16.38
C ILE A 220 -8.45 16.93 -16.39
N MET A 221 -8.68 18.23 -16.34
CA MET A 221 -10.04 18.79 -16.33
C MET A 221 -10.83 18.40 -17.58
N ARG A 222 -10.15 18.34 -18.73
CA ARG A 222 -10.80 18.01 -20.00
C ARG A 222 -11.08 16.51 -20.11
N GLY A 223 -10.24 15.71 -19.45
CA GLY A 223 -10.37 14.25 -19.40
C GLY A 223 -10.14 13.49 -20.70
N LYS A 224 -9.54 14.13 -21.72
CA LYS A 224 -9.26 13.48 -23.01
C LYS A 224 -7.85 12.92 -23.06
N TYR A 225 -7.72 11.67 -23.48
CA TYR A 225 -6.40 11.04 -23.56
C TYR A 225 -6.28 10.21 -24.84
N ASP A 226 -5.04 9.96 -25.29
CA ASP A 226 -4.76 9.14 -26.46
C ASP A 226 -5.00 7.68 -26.10
N VAL A 227 -5.48 6.89 -27.06
CA VAL A 227 -5.77 5.48 -26.85
C VAL A 227 -4.83 4.68 -27.77
N PRO A 228 -3.70 4.15 -27.26
CA PRO A 228 -2.79 3.41 -28.15
C PRO A 228 -3.44 2.21 -28.84
N LYS A 229 -2.96 1.89 -30.06
CA LYS A 229 -3.48 0.82 -30.90
C LYS A 229 -3.34 -0.58 -30.29
N TRP A 230 -2.44 -0.75 -29.31
CA TRP A 230 -2.23 -2.03 -28.68
C TRP A 230 -3.26 -2.37 -27.60
N LEU A 231 -4.08 -1.38 -27.16
CA LEU A 231 -5.11 -1.65 -26.16
C LEU A 231 -6.28 -2.39 -26.78
N SER A 232 -6.76 -3.45 -26.11
CA SER A 232 -7.91 -4.22 -26.55
C SER A 232 -9.21 -3.43 -26.31
N PRO A 233 -10.32 -3.77 -27.02
CA PRO A 233 -11.59 -3.08 -26.76
C PRO A 233 -12.05 -3.16 -25.30
N SER A 234 -11.87 -4.33 -24.64
CA SER A 234 -12.26 -4.47 -23.23
C SER A 234 -11.45 -3.54 -22.34
N SER A 235 -10.12 -3.40 -22.58
CA SER A 235 -9.27 -2.46 -21.78
C SER A 235 -9.76 -1.02 -21.92
N ILE A 236 -10.07 -0.62 -23.17
CA ILE A 236 -10.55 0.73 -23.50
C ILE A 236 -11.84 1.05 -22.73
N LEU A 237 -12.78 0.10 -22.69
CA LEU A 237 -14.06 0.26 -21.99
C LEU A 237 -13.83 0.39 -20.49
N LEU A 238 -12.94 -0.45 -19.88
CA LEU A 238 -12.69 -0.32 -18.43
C LEU A 238 -12.09 1.03 -18.12
N LEU A 239 -11.13 1.49 -18.94
CA LEU A 239 -10.51 2.82 -18.76
C LEU A 239 -11.56 3.92 -18.76
N GLN A 240 -12.48 3.87 -19.75
CA GLN A 240 -13.57 4.84 -19.89
C GLN A 240 -14.46 4.85 -18.66
N GLN A 241 -14.69 3.65 -18.07
CA GLN A 241 -15.54 3.52 -16.89
C GLN A 241 -14.92 4.08 -15.63
N MET A 242 -13.57 4.11 -15.56
CA MET A 242 -12.87 4.62 -14.38
C MET A 242 -12.49 6.09 -14.58
N LEU A 243 -12.06 6.45 -15.80
CA LEU A 243 -11.64 7.83 -16.08
C LEU A 243 -12.79 8.72 -16.55
N GLN A 244 -13.74 9.02 -15.65
CA GLN A 244 -14.88 9.90 -15.91
C GLN A 244 -14.64 11.14 -15.06
N VAL A 245 -14.65 12.33 -15.69
CA VAL A 245 -14.44 13.59 -14.98
C VAL A 245 -15.55 13.79 -13.93
N ASP A 246 -16.80 13.41 -14.26
CA ASP A 246 -17.92 13.52 -13.31
C ASP A 246 -17.76 12.31 -12.37
N PRO A 247 -17.48 12.53 -11.06
CA PRO A 247 -17.24 11.41 -10.14
C PRO A 247 -18.41 10.45 -9.94
N LYS A 248 -19.63 10.94 -10.17
CA LYS A 248 -20.86 10.15 -10.06
C LYS A 248 -21.00 9.20 -11.23
N LYS A 249 -20.26 9.45 -12.32
CA LYS A 249 -20.26 8.55 -13.48
C LYS A 249 -19.18 7.44 -13.41
N ARG A 250 -18.25 7.51 -12.44
CA ARG A 250 -17.20 6.48 -12.31
C ARG A 250 -17.77 5.17 -11.77
N ILE A 251 -17.17 4.05 -12.17
CA ILE A 251 -17.57 2.71 -11.70
C ILE A 251 -17.41 2.65 -10.17
N SER A 252 -18.29 1.94 -9.49
CA SER A 252 -18.19 1.76 -8.04
C SER A 252 -17.16 0.65 -7.81
N MET A 253 -16.57 0.62 -6.61
CA MET A 253 -15.60 -0.42 -6.23
C MET A 253 -16.23 -1.81 -6.29
N LYS A 254 -17.51 -1.91 -5.87
CA LYS A 254 -18.28 -3.16 -5.86
C LYS A 254 -18.32 -3.75 -7.27
N ASN A 255 -18.56 -2.92 -8.28
CA ASN A 255 -18.65 -3.34 -9.68
C ASN A 255 -17.29 -3.59 -10.30
N LEU A 256 -16.22 -3.06 -9.68
CA LEU A 256 -14.86 -3.33 -10.14
C LEU A 256 -14.47 -4.75 -9.77
N LEU A 257 -14.91 -5.25 -8.60
CA LEU A 257 -14.58 -6.60 -8.11
C LEU A 257 -14.89 -7.71 -9.10
N ASN A 258 -16.00 -7.58 -9.86
CA ASN A 258 -16.39 -8.63 -10.80
C ASN A 258 -16.57 -8.11 -12.21
N HIS A 259 -15.84 -7.07 -12.56
CA HIS A 259 -15.93 -6.47 -13.90
C HIS A 259 -15.53 -7.50 -14.96
N PRO A 260 -16.16 -7.54 -16.16
CA PRO A 260 -15.74 -8.52 -17.18
C PRO A 260 -14.24 -8.55 -17.48
N TRP A 261 -13.59 -7.37 -17.55
CA TRP A 261 -12.14 -7.28 -17.81
C TRP A 261 -11.38 -7.93 -16.66
N ILE A 262 -11.78 -7.62 -15.41
CA ILE A 262 -11.21 -8.15 -14.16
C ILE A 262 -11.34 -9.70 -14.09
N MET A 263 -12.49 -10.24 -14.51
CA MET A 263 -12.77 -11.69 -14.50
C MET A 263 -12.10 -12.48 -15.61
N GLN A 264 -11.71 -11.81 -16.72
CA GLN A 264 -11.11 -12.49 -17.89
C GLN A 264 -9.91 -13.32 -17.46
N ASP A 265 -9.91 -14.63 -17.83
CA ASP A 265 -8.88 -15.62 -17.51
C ASP A 265 -8.87 -16.07 -16.04
N TYR A 266 -9.73 -15.46 -15.21
CA TYR A 266 -9.81 -15.76 -13.78
C TYR A 266 -11.10 -16.46 -13.43
N ASN A 267 -12.27 -15.88 -13.86
CA ASN A 267 -13.61 -16.43 -13.62
C ASN A 267 -14.06 -16.43 -12.16
N TYR A 268 -13.39 -15.64 -11.33
CA TYR A 268 -13.80 -15.44 -9.95
C TYR A 268 -13.60 -13.96 -9.58
N PRO A 269 -14.49 -13.34 -8.77
CA PRO A 269 -14.29 -11.92 -8.42
C PRO A 269 -13.04 -11.72 -7.58
N VAL A 270 -12.56 -10.47 -7.49
CA VAL A 270 -11.36 -10.17 -6.71
C VAL A 270 -11.66 -10.47 -5.23
N GLU A 271 -10.75 -11.20 -4.57
CA GLU A 271 -10.87 -11.49 -3.15
C GLU A 271 -10.25 -10.34 -2.45
N TRP A 272 -11.09 -9.51 -1.85
CA TRP A 272 -10.65 -8.28 -1.19
C TRP A 272 -10.58 -8.45 0.35
N GLN A 273 -11.34 -9.40 0.91
CA GLN A 273 -11.35 -9.57 2.38
C GLN A 273 -9.95 -9.93 2.86
N SER A 274 -9.57 -9.40 4.04
CA SER A 274 -8.26 -9.68 4.63
C SER A 274 -8.14 -11.14 5.07
N LYS A 275 -6.96 -11.71 4.81
CA LYS A 275 -6.57 -13.05 5.25
C LYS A 275 -5.64 -12.92 6.48
N ASN A 276 -5.39 -11.69 6.94
CA ASN A 276 -4.41 -11.39 8.01
C ASN A 276 -5.15 -10.88 9.22
N PRO A 277 -5.40 -11.77 10.20
CA PRO A 277 -6.29 -11.38 11.30
C PRO A 277 -5.72 -10.61 12.48
N PHE A 278 -6.63 -9.97 13.23
CA PHE A 278 -6.37 -9.30 14.50
C PHE A 278 -6.75 -10.26 15.64
N ILE A 279 -7.85 -11.01 15.45
CA ILE A 279 -8.35 -11.89 16.49
C ILE A 279 -7.63 -13.25 16.58
N HIS A 280 -7.54 -14.01 15.48
CA HIS A 280 -6.92 -15.33 15.52
C HIS A 280 -5.40 -15.23 15.66
N LEU A 281 -4.84 -16.03 16.57
CA LEU A 281 -3.38 -16.10 16.72
C LEU A 281 -2.90 -17.46 16.24
N ASP A 282 -1.70 -17.52 15.67
CA ASP A 282 -1.12 -18.75 15.17
C ASP A 282 -0.41 -19.44 16.37
N ASP A 283 -0.83 -20.69 16.68
CA ASP A 283 -0.29 -21.49 17.79
C ASP A 283 1.25 -21.65 17.72
N ASP A 284 1.81 -21.99 16.54
CA ASP A 284 3.26 -22.18 16.38
C ASP A 284 4.01 -20.90 16.72
N CYS A 285 3.49 -19.75 16.27
CA CYS A 285 4.16 -18.47 16.50
C CYS A 285 4.06 -18.02 17.94
N VAL A 286 2.93 -18.29 18.59
CA VAL A 286 2.76 -17.99 20.03
C VAL A 286 3.79 -18.81 20.83
N THR A 287 3.98 -20.10 20.48
CA THR A 287 4.96 -20.98 21.15
C THR A 287 6.39 -20.44 20.95
N GLU A 288 6.75 -20.11 19.69
CA GLU A 288 8.09 -19.56 19.37
C GLU A 288 8.36 -18.27 20.12
N LEU A 289 7.36 -17.41 20.22
CA LEU A 289 7.47 -16.13 20.91
C LEU A 289 7.59 -16.32 22.43
N SER A 290 6.76 -17.22 23.02
CA SER A 290 6.71 -17.42 24.48
C SER A 290 8.02 -17.87 25.13
N VAL A 291 8.89 -18.57 24.38
CA VAL A 291 10.20 -18.98 24.92
C VAL A 291 11.06 -17.79 25.35
N HIS A 292 10.80 -16.59 24.78
CA HIS A 292 11.57 -15.36 25.05
C HIS A 292 10.99 -14.51 26.19
N HIS A 293 9.89 -14.97 26.81
CA HIS A 293 9.23 -14.21 27.86
C HIS A 293 9.10 -15.00 29.14
N ARG A 294 9.20 -14.31 30.29
CA ARG A 294 9.07 -14.88 31.64
C ARG A 294 7.57 -14.88 32.04
N ASN A 295 6.70 -15.31 31.14
CA ASN A 295 5.26 -15.35 31.34
C ASN A 295 4.66 -16.60 30.72
N ASN A 296 3.49 -17.01 31.23
CA ASN A 296 2.79 -18.18 30.70
C ASN A 296 2.17 -17.89 29.33
N ARG A 297 1.77 -18.96 28.63
CA ARG A 297 1.17 -18.88 27.29
C ARG A 297 -0.07 -17.97 27.23
N GLN A 298 -1.02 -18.12 28.18
CA GLN A 298 -2.26 -17.32 28.22
C GLN A 298 -1.98 -15.83 28.40
N THR A 299 -1.01 -15.48 29.27
CA THR A 299 -0.63 -14.08 29.48
C THR A 299 -0.05 -13.51 28.18
N MET A 300 0.78 -14.31 27.50
CA MET A 300 1.39 -13.86 26.24
C MET A 300 0.36 -13.64 25.14
N GLU A 301 -0.61 -14.54 25.00
CA GLU A 301 -1.72 -14.40 24.03
C GLU A 301 -2.52 -13.13 24.29
N ASP A 302 -2.85 -12.84 25.58
CA ASP A 302 -3.62 -11.62 25.93
C ASP A 302 -2.79 -10.36 25.60
N LEU A 303 -1.47 -10.38 25.87
CA LEU A 303 -0.60 -9.24 25.53
C LEU A 303 -0.48 -9.06 24.04
N ILE A 304 -0.30 -10.17 23.29
CA ILE A 304 -0.23 -10.06 21.82
C ILE A 304 -1.51 -9.36 21.28
N SER A 305 -2.68 -9.84 21.75
CA SER A 305 -4.01 -9.32 21.36
C SER A 305 -4.26 -7.86 21.64
N LEU A 306 -3.38 -7.19 22.42
CA LEU A 306 -3.52 -5.75 22.65
C LEU A 306 -3.02 -4.93 21.44
N TRP A 307 -2.24 -5.54 20.53
CA TRP A 307 -1.68 -4.87 19.33
C TRP A 307 -1.16 -3.46 19.59
N GLN A 308 -0.16 -3.35 20.49
CA GLN A 308 0.37 -2.03 20.84
C GLN A 308 1.37 -1.49 19.82
N TYR A 309 1.80 -2.34 18.88
CA TYR A 309 2.82 -2.00 17.89
C TYR A 309 4.14 -1.68 18.59
N ASP A 310 4.42 -2.48 19.63
CA ASP A 310 5.65 -2.43 20.39
C ASP A 310 6.52 -3.59 19.89
N HIS A 311 7.60 -3.91 20.62
CA HIS A 311 8.49 -5.01 20.22
C HIS A 311 7.77 -6.38 20.20
N LEU A 312 6.82 -6.59 21.11
CA LEU A 312 6.03 -7.83 21.14
C LEU A 312 5.23 -8.00 19.84
N THR A 313 4.58 -6.92 19.36
CA THR A 313 3.81 -6.98 18.11
C THR A 313 4.76 -7.34 16.98
N ALA A 314 5.93 -6.65 16.90
CA ALA A 314 6.90 -6.91 15.83
C ALA A 314 7.36 -8.37 15.86
N THR A 315 7.72 -8.88 17.05
CA THR A 315 8.16 -10.26 17.20
C THR A 315 7.10 -11.25 16.68
N TYR A 316 5.82 -11.07 17.09
CA TYR A 316 4.78 -12.00 16.66
C TYR A 316 4.58 -11.98 15.13
N LEU A 317 4.44 -10.79 14.55
CA LEU A 317 4.16 -10.66 13.11
C LEU A 317 5.34 -11.09 12.25
N LEU A 318 6.57 -10.90 12.74
CA LEU A 318 7.77 -11.35 12.02
C LEU A 318 7.91 -12.88 12.10
N LEU A 319 7.49 -13.47 13.22
CA LEU A 319 7.46 -14.94 13.30
C LEU A 319 6.41 -15.49 12.33
N LEU A 320 5.28 -14.76 12.13
CA LEU A 320 4.25 -15.18 11.18
C LEU A 320 4.82 -15.11 9.74
N ALA A 321 5.62 -14.06 9.43
CA ALA A 321 6.30 -13.89 8.13
C ALA A 321 7.34 -14.99 7.91
N LYS A 322 8.11 -15.36 8.97
CA LYS A 322 9.08 -16.44 8.89
C LYS A 322 8.34 -17.75 8.58
N LYS A 323 7.22 -18.00 9.27
CA LYS A 323 6.44 -19.22 9.05
C LYS A 323 5.93 -19.30 7.59
N ALA A 324 5.39 -18.16 7.07
CA ALA A 324 4.87 -18.05 5.71
C ALA A 324 5.88 -18.46 4.63
N ARG A 325 7.19 -18.17 4.84
CA ARG A 325 8.30 -18.51 3.93
C ARG A 325 8.51 -20.03 3.81
N GLY A 326 8.27 -20.75 4.89
CA GLY A 326 8.43 -22.20 4.95
C GLY A 326 7.18 -22.95 4.52
C1 6BJ B . 9.65 -0.44 2.18
C2 6BJ B . 10.77 -0.44 1.40
C3 6BJ B . 9.46 -1.79 2.58
O1 6BJ B . 16.20 -3.55 -2.38
C11 6BJ B . 14.70 -3.34 -0.54
C12 6BJ B . 14.10 -4.02 0.56
C13 6BJ B . 14.10 -2.13 -1.01
C14 6BJ B . 12.96 -3.48 1.21
C15 6BJ B . 15.89 -3.95 -1.25
C16 6BJ B . 17.66 -5.71 -1.14
C17 6BJ B . 19.03 -5.06 -0.95
C18 6BJ B . 19.22 -3.65 -1.08
C19 6BJ B . 20.52 -3.14 -0.89
C20 6BJ B . 21.57 -4.03 -0.59
C21 6BJ B . 21.30 -5.41 -0.47
N1 6BJ B . 11.22 -1.75 1.36
N2 6BJ B . 10.41 -2.56 2.09
C4 6BJ B . 6.79 1.65 3.50
N3 6BJ B . 7.15 2.90 3.13
C5 6BJ B . 8.30 3.07 2.45
C6 6BJ B . 9.16 2.01 2.10
C7 6BJ B . 8.79 0.70 2.51
C8 6BJ B . 7.57 0.52 3.20
C9 6BJ B . 12.38 -2.27 0.74
C10 6BJ B . 12.94 -1.61 -0.38
N4 6BJ B . 16.54 -4.94 -0.62
N5 6BJ B . 20.05 -5.91 -0.65
#